data_5UPX
#
_entry.id   5UPX
#
_cell.length_a   93.148
_cell.length_b   93.148
_cell.length_c   95.265
_cell.angle_alpha   90.00
_cell.angle_beta   90.00
_cell.angle_gamma   90.00
#
_symmetry.space_group_name_H-M   'I 4'
#
loop_
_entity.id
_entity.type
_entity.pdbx_description
1 polymer "Inosine-5'-monophosphate dehydrogenase"
2 non-polymer "XANTHOSINE-5'-MONOPHOSPHATE"
3 non-polymer GLYCEROL
4 water water
#
_entity_poly.entity_id   1
_entity_poly.type   'polypeptide(L)'
_entity_poly.pdbx_seq_one_letter_code
;SNAMWETKFAKEGLTFDDVLLVPAKSDVLPNDVDLSVEMAPSLKLNVPIWSAGMDTITEAKMAIAIARQGGIGVVHKNMS
IEQQAEEIEKVKRSESGGIKDIEKVIEFPNSAKDKHGRLLAAAAVGITNDTFVRVEKLIEAGVDAIVIDTAHGHSAGVIN
KISEIRQTFKDVVIVAGNVATAEGARALFEVGVDIVKVGIGPGSICTTRVVAGVGVPQITAIYDCATVAREFGKTIIADG
GIKYSGDIVKALAAGGNAVMLGSMLAGTDESPGETEIFQGRQFKTYRGMGSLAAMEHGSKDRYFQADAKKLVPEGIEGRV
PYKGSVADIIFQLVGGIRSGMGYTGSPDLRHLREEAAFVRMTGAGLRESHPHDIQITKEAPNYSIS
;
_entity_poly.pdbx_strand_id   A
#
loop_
_chem_comp.id
_chem_comp.type
_chem_comp.name
_chem_comp.formula
GOL non-polymer GLYCEROL 'C3 H8 O3'
XMP non-polymer XANTHOSINE-5'-MONOPHOSPHATE 'C10 H14 N4 O9 P 1'
#
# COMPACT_ATOMS: atom_id res chain seq x y z
N SER A 1 17.24 24.42 22.75
CA SER A 1 16.91 23.05 22.39
C SER A 1 17.47 22.06 23.41
N ASN A 2 17.68 22.52 24.64
N ASN A 2 17.68 22.53 24.65
CA ASN A 2 18.04 21.61 25.72
CA ASN A 2 18.05 21.63 25.72
C ASN A 2 16.93 20.61 25.98
C ASN A 2 16.94 20.62 25.99
N ALA A 3 15.69 20.98 25.67
CA ALA A 3 14.59 20.03 25.79
C ALA A 3 14.71 18.93 24.75
N MET A 4 14.97 19.31 23.49
CA MET A 4 15.21 18.30 22.47
C MET A 4 16.47 17.51 22.76
N TRP A 5 17.50 18.15 23.31
CA TRP A 5 18.75 17.44 23.60
C TRP A 5 18.54 16.31 24.60
N GLU A 6 17.81 16.58 25.68
CA GLU A 6 17.61 15.55 26.70
C GLU A 6 16.65 14.44 26.29
N THR A 7 15.83 14.65 25.25
CA THR A 7 14.86 13.65 24.82
C THR A 7 15.27 12.97 23.52
N LYS A 8 16.54 13.09 23.13
CA LYS A 8 16.99 12.54 21.84
C LYS A 8 16.64 11.07 21.68
N PHE A 9 16.77 10.28 22.74
CA PHE A 9 16.59 8.83 22.60
C PHE A 9 15.36 8.30 23.34
N ALA A 10 14.37 9.15 23.60
CA ALA A 10 13.23 8.72 24.43
C ALA A 10 12.32 7.74 23.69
N LYS A 11 12.06 7.99 22.40
N LYS A 11 12.06 7.99 22.41
CA LYS A 11 11.05 7.26 21.65
CA LYS A 11 11.04 7.26 21.68
C LYS A 11 11.49 5.84 21.31
C LYS A 11 11.49 5.84 21.34
N GLU A 12 10.55 4.90 21.40
CA GLU A 12 10.78 3.50 21.04
C GLU A 12 9.85 3.12 19.90
N GLY A 13 10.31 2.19 19.06
CA GLY A 13 9.53 1.78 17.90
C GLY A 13 9.48 0.28 17.67
N LEU A 14 8.31 -0.20 17.22
CA LEU A 14 8.04 -1.62 17.00
C LEU A 14 7.79 -1.87 15.52
N THR A 15 8.22 -3.03 15.02
CA THR A 15 7.84 -3.45 13.68
C THR A 15 7.06 -4.77 13.75
N PHE A 16 6.70 -5.29 12.57
CA PHE A 16 5.83 -6.47 12.48
C PHE A 16 6.40 -7.65 13.26
N ASP A 17 7.69 -7.93 13.07
CA ASP A 17 8.30 -9.10 13.71
C ASP A 17 8.51 -8.93 15.21
N ASP A 18 8.19 -7.76 15.78
CA ASP A 18 8.24 -7.57 17.22
C ASP A 18 6.96 -7.97 17.94
N VAL A 19 5.85 -8.23 17.24
CA VAL A 19 4.56 -8.35 17.91
C VAL A 19 3.75 -9.51 17.32
N LEU A 20 2.81 -10.00 18.13
CA LEU A 20 1.76 -10.93 17.70
C LEU A 20 0.41 -10.44 18.19
N LEU A 21 -0.65 -10.80 17.46
CA LEU A 21 -2.01 -10.54 17.93
C LEU A 21 -2.45 -11.59 18.93
N VAL A 22 -3.10 -11.15 20.00
CA VAL A 22 -3.56 -12.06 21.05
C VAL A 22 -4.92 -12.66 20.65
N PRO A 23 -5.08 -13.98 20.71
CA PRO A 23 -6.41 -14.55 20.43
C PRO A 23 -7.42 -14.12 21.48
N ALA A 24 -8.68 -14.01 21.05
CA ALA A 24 -9.73 -13.50 21.90
C ALA A 24 -11.01 -14.29 21.66
N LYS A 25 -11.98 -14.13 22.57
CA LYS A 25 -13.26 -14.80 22.43
C LYS A 25 -13.86 -14.47 21.07
N SER A 26 -14.31 -15.49 20.33
CA SER A 26 -14.71 -15.28 18.95
C SER A 26 -16.05 -15.95 18.69
N ASP A 27 -16.99 -15.18 18.12
CA ASP A 27 -18.32 -15.66 17.76
C ASP A 27 -18.50 -15.74 16.25
N VAL A 28 -17.44 -15.53 15.49
CA VAL A 28 -17.53 -15.39 14.04
C VAL A 28 -16.52 -16.32 13.39
N LEU A 29 -16.97 -17.09 12.41
CA LEU A 29 -16.06 -17.96 11.68
C LEU A 29 -15.33 -17.17 10.58
N PRO A 30 -14.13 -17.62 10.17
CA PRO A 30 -13.38 -16.88 9.15
C PRO A 30 -14.17 -16.64 7.87
N ASN A 31 -15.02 -17.57 7.46
CA ASN A 31 -15.72 -17.37 6.20
C ASN A 31 -16.84 -16.33 6.28
N ASP A 32 -17.25 -15.95 7.49
CA ASP A 32 -18.33 -14.99 7.67
C ASP A 32 -17.85 -13.59 8.03
N VAL A 33 -16.55 -13.37 8.22
CA VAL A 33 -16.09 -12.03 8.56
C VAL A 33 -16.20 -11.12 7.34
N ASP A 34 -16.32 -9.82 7.61
CA ASP A 34 -16.50 -8.80 6.59
C ASP A 34 -15.16 -8.08 6.39
N LEU A 35 -14.61 -8.17 5.18
CA LEU A 35 -13.32 -7.55 4.83
C LEU A 35 -13.47 -6.20 4.15
N SER A 36 -14.69 -5.68 4.04
CA SER A 36 -14.94 -4.40 3.39
C SER A 36 -14.36 -3.24 4.18
N VAL A 37 -13.94 -2.19 3.49
CA VAL A 37 -13.51 -0.98 4.18
C VAL A 37 -13.85 0.24 3.34
N GLU A 38 -14.43 1.25 3.99
CA GLU A 38 -14.70 2.54 3.36
C GLU A 38 -13.45 3.41 3.58
N MET A 39 -12.68 3.65 2.51
CA MET A 39 -11.55 4.56 2.61
C MET A 39 -11.99 6.02 2.54
N ALA A 40 -13.06 6.30 1.83
CA ALA A 40 -13.65 7.63 1.72
C ALA A 40 -15.09 7.46 1.27
N PRO A 41 -15.95 8.47 1.46
CA PRO A 41 -17.37 8.28 1.12
C PRO A 41 -17.61 7.71 -0.27
N SER A 42 -16.76 8.01 -1.25
CA SER A 42 -16.96 7.53 -2.62
C SER A 42 -16.00 6.39 -2.99
N LEU A 43 -15.24 5.85 -2.03
CA LEU A 43 -14.24 4.85 -2.36
C LEU A 43 -14.32 3.72 -1.34
N LYS A 44 -15.01 2.64 -1.71
CA LYS A 44 -15.18 1.48 -0.85
C LYS A 44 -14.50 0.27 -1.48
N LEU A 45 -13.67 -0.41 -0.71
CA LEU A 45 -13.00 -1.63 -1.14
C LEU A 45 -13.68 -2.83 -0.52
N ASN A 46 -13.61 -3.96 -1.22
CA ASN A 46 -14.08 -5.22 -0.65
C ASN A 46 -12.96 -6.05 -0.03
N VAL A 47 -11.71 -5.76 -0.33
CA VAL A 47 -10.60 -6.31 0.45
C VAL A 47 -9.62 -5.16 0.69
N PRO A 48 -8.98 -5.10 1.83
CA PRO A 48 -8.30 -3.85 2.22
C PRO A 48 -6.87 -3.76 1.67
N ILE A 49 -6.76 -3.78 0.33
CA ILE A 49 -5.46 -3.89 -0.32
C ILE A 49 -5.35 -2.91 -1.49
N TRP A 50 -4.29 -2.09 -1.48
CA TRP A 50 -3.91 -1.21 -2.58
C TRP A 50 -2.62 -1.76 -3.18
N SER A 51 -2.53 -1.83 -4.50
CA SER A 51 -1.26 -2.19 -5.13
C SER A 51 -0.38 -0.96 -5.28
N ALA A 52 0.93 -1.14 -5.08
CA ALA A 52 1.84 0.00 -5.00
C ALA A 52 1.97 0.74 -6.31
N GLY A 53 2.11 2.07 -6.24
CA GLY A 53 2.30 2.90 -7.41
C GLY A 53 3.73 2.88 -7.92
N MET A 54 4.18 1.72 -8.41
CA MET A 54 5.56 1.50 -8.82
C MET A 54 5.60 0.96 -10.24
N ASP A 55 6.65 1.30 -10.99
CA ASP A 55 6.67 0.91 -12.40
C ASP A 55 6.99 -0.58 -12.60
N THR A 56 7.29 -1.32 -11.54
CA THR A 56 7.33 -2.77 -11.66
C THR A 56 6.14 -3.45 -10.99
N ILE A 57 5.12 -2.70 -10.54
CA ILE A 57 3.98 -3.28 -9.85
C ILE A 57 2.65 -2.99 -10.57
N THR A 58 2.34 -1.70 -10.84
CA THR A 58 0.97 -1.34 -11.27
C THR A 58 0.93 -0.49 -12.53
N GLU A 59 0.44 -1.09 -13.63
CA GLU A 59 -0.12 -0.35 -14.75
C GLU A 59 -1.57 -0.80 -14.92
N ALA A 60 -2.20 -0.58 -16.07
CA ALA A 60 -3.62 -0.96 -16.25
C ALA A 60 -3.89 -2.43 -15.92
N LYS A 61 -2.99 -3.32 -16.34
CA LYS A 61 -3.27 -4.75 -16.20
C LYS A 61 -3.34 -5.17 -14.75
N MET A 62 -2.46 -4.63 -13.90
CA MET A 62 -2.52 -4.91 -12.47
C MET A 62 -3.72 -4.23 -11.83
N ALA A 63 -3.99 -2.97 -12.21
CA ALA A 63 -5.12 -2.26 -11.63
C ALA A 63 -6.43 -2.98 -11.93
N ILE A 64 -6.56 -3.54 -13.13
CA ILE A 64 -7.76 -4.32 -13.44
C ILE A 64 -7.82 -5.58 -12.58
N ALA A 65 -6.71 -6.32 -12.52
CA ALA A 65 -6.72 -7.58 -11.79
C ALA A 65 -7.06 -7.38 -10.32
N ILE A 66 -6.49 -6.36 -9.68
CA ILE A 66 -6.69 -6.24 -8.23
C ILE A 66 -8.07 -5.65 -7.90
N ALA A 67 -8.57 -4.72 -8.72
CA ALA A 67 -9.94 -4.25 -8.52
C ALA A 67 -10.96 -5.38 -8.71
N ARG A 68 -10.71 -6.29 -9.64
CA ARG A 68 -11.66 -7.39 -9.79
C ARG A 68 -11.64 -8.32 -8.58
N GLN A 69 -10.57 -8.33 -7.80
CA GLN A 69 -10.54 -9.10 -6.57
C GLN A 69 -11.00 -8.31 -5.34
N GLY A 70 -11.36 -7.03 -5.52
CA GLY A 70 -11.90 -6.22 -4.45
C GLY A 70 -11.03 -5.10 -3.94
N GLY A 71 -9.79 -4.99 -4.42
CA GLY A 71 -8.85 -3.94 -4.03
C GLY A 71 -8.82 -2.80 -5.03
N ILE A 72 -7.69 -2.10 -5.08
CA ILE A 72 -7.54 -0.98 -6.02
C ILE A 72 -6.07 -0.84 -6.35
N GLY A 73 -5.78 -0.48 -7.59
CA GLY A 73 -4.40 -0.31 -8.04
C GLY A 73 -4.06 1.17 -8.19
N VAL A 74 -2.81 1.50 -7.89
CA VAL A 74 -2.31 2.87 -8.10
C VAL A 74 -1.41 2.84 -9.34
N VAL A 75 -1.91 3.34 -10.47
CA VAL A 75 -1.10 3.41 -11.68
C VAL A 75 0.05 4.37 -11.46
N HIS A 76 1.27 3.92 -11.74
CA HIS A 76 2.46 4.72 -11.43
C HIS A 76 2.57 5.90 -12.41
N LYS A 77 3.44 6.87 -12.06
CA LYS A 77 3.52 8.14 -12.78
C LYS A 77 4.78 8.26 -13.64
N ASN A 78 5.57 7.20 -13.77
CA ASN A 78 6.75 7.20 -14.64
C ASN A 78 6.34 6.99 -16.10
N MET A 79 5.50 7.91 -16.57
CA MET A 79 4.99 7.92 -17.94
C MET A 79 4.37 9.29 -18.19
N SER A 80 4.13 9.59 -19.46
CA SER A 80 3.51 10.87 -19.81
C SER A 80 2.12 10.98 -19.20
N ILE A 81 1.64 12.22 -19.09
CA ILE A 81 0.28 12.45 -18.60
C ILE A 81 -0.74 11.75 -19.49
N GLU A 82 -0.57 11.86 -20.81
CA GLU A 82 -1.48 11.21 -21.73
C GLU A 82 -1.45 9.70 -21.55
N GLN A 83 -0.25 9.12 -21.43
CA GLN A 83 -0.14 7.67 -21.21
C GLN A 83 -0.85 7.25 -19.93
N GLN A 84 -0.63 7.98 -18.84
CA GLN A 84 -1.27 7.61 -17.58
C GLN A 84 -2.78 7.77 -17.65
N ALA A 85 -3.25 8.81 -18.35
CA ALA A 85 -4.68 8.95 -18.53
C ALA A 85 -5.27 7.76 -19.29
N GLU A 86 -4.56 7.28 -20.31
CA GLU A 86 -5.04 6.15 -21.08
C GLU A 86 -5.05 4.86 -20.28
N GLU A 87 -4.08 4.67 -19.39
CA GLU A 87 -4.11 3.51 -18.50
C GLU A 87 -5.39 3.50 -17.67
N ILE A 88 -5.77 4.66 -17.11
CA ILE A 88 -6.99 4.75 -16.34
C ILE A 88 -8.21 4.44 -17.22
N GLU A 89 -8.23 4.98 -18.45
CA GLU A 89 -9.35 4.68 -19.35
C GLU A 89 -9.46 3.18 -19.63
N LYS A 90 -8.31 2.50 -19.76
CA LYS A 90 -8.34 1.05 -19.91
C LYS A 90 -9.01 0.39 -18.72
N VAL A 91 -8.70 0.84 -17.51
CA VAL A 91 -9.31 0.24 -16.31
C VAL A 91 -10.80 0.52 -16.30
N LYS A 92 -11.22 1.75 -16.60
CA LYS A 92 -12.62 2.09 -16.49
C LYS A 92 -13.46 1.46 -17.61
N ARG A 93 -12.84 1.05 -18.72
CA ARG A 93 -13.56 0.35 -19.78
C ARG A 93 -13.60 -1.16 -19.58
N SER A 94 -12.83 -1.69 -18.63
CA SER A 94 -12.71 -3.13 -18.47
C SER A 94 -13.98 -3.73 -17.86
N GLU A 95 -14.22 -5.01 -18.17
CA GLU A 95 -15.36 -5.72 -17.59
C GLU A 95 -15.17 -5.90 -16.09
N SER A 96 -16.23 -5.61 -15.33
CA SER A 96 -16.16 -5.61 -13.88
C SER A 96 -16.96 -6.71 -13.21
N GLY A 97 -17.96 -7.28 -13.90
CA GLY A 97 -18.78 -8.32 -13.32
C GLY A 97 -18.29 -9.72 -13.63
N GLY A 98 -17.94 -9.96 -14.88
CA GLY A 98 -17.47 -11.28 -15.28
C GLY A 98 -17.13 -11.29 -16.76
N ILE A 99 -16.36 -12.32 -17.14
CA ILE A 99 -15.91 -12.50 -18.51
C ILE A 99 -16.06 -13.97 -18.88
N LYS A 100 -16.05 -14.24 -20.19
CA LYS A 100 -16.21 -15.58 -20.70
C LYS A 100 -15.00 -15.96 -21.56
N ASP A 101 -14.35 -17.06 -21.21
CA ASP A 101 -13.20 -17.60 -21.94
C ASP A 101 -12.12 -16.55 -22.17
N LYS A 104 -14.66 -21.20 -18.26
CA LYS A 104 -15.39 -20.61 -19.38
C LYS A 104 -16.20 -19.40 -18.93
N VAL A 105 -16.64 -19.39 -17.67
CA VAL A 105 -17.28 -18.25 -17.06
C VAL A 105 -16.47 -17.88 -15.82
N ILE A 106 -15.78 -16.75 -15.87
CA ILE A 106 -15.04 -16.23 -14.74
C ILE A 106 -15.86 -15.08 -14.17
N GLU A 107 -16.38 -15.23 -12.96
CA GLU A 107 -17.09 -14.17 -12.29
C GLU A 107 -16.19 -13.45 -11.29
N PHE A 108 -16.46 -12.16 -11.10
CA PHE A 108 -15.73 -11.31 -10.17
C PHE A 108 -16.72 -10.75 -9.16
N PRO A 109 -17.30 -11.61 -8.31
CA PRO A 109 -18.40 -11.15 -7.45
C PRO A 109 -17.98 -10.13 -6.41
N ASN A 110 -16.69 -10.01 -6.11
CA ASN A 110 -16.18 -9.08 -5.10
C ASN A 110 -15.51 -7.86 -5.70
N SER A 111 -15.70 -7.60 -6.99
CA SER A 111 -15.06 -6.48 -7.65
C SER A 111 -15.41 -5.17 -6.94
N ALA A 112 -14.40 -4.32 -6.76
CA ALA A 112 -14.60 -2.97 -6.22
C ALA A 112 -14.89 -2.03 -7.39
N LYS A 113 -16.05 -1.39 -7.37
CA LYS A 113 -16.54 -0.61 -8.51
C LYS A 113 -16.97 0.78 -8.05
N ASP A 114 -17.00 1.72 -9.02
CA ASP A 114 -17.55 3.04 -8.76
C ASP A 114 -19.07 3.01 -8.88
N LYS A 115 -19.70 4.17 -8.73
CA LYS A 115 -21.16 4.28 -8.75
C LYS A 115 -21.76 3.93 -10.11
N HIS A 116 -20.94 3.78 -11.15
CA HIS A 116 -21.42 3.42 -12.48
C HIS A 116 -21.09 1.98 -12.86
N GLY A 117 -20.59 1.18 -11.91
CA GLY A 117 -20.26 -0.20 -12.18
C GLY A 117 -18.94 -0.41 -12.88
N ARG A 118 -18.07 0.58 -12.92
CA ARG A 118 -16.75 0.44 -13.50
C ARG A 118 -15.72 0.17 -12.40
N LEU A 119 -14.73 -0.65 -12.72
CA LEU A 119 -13.68 -0.98 -11.77
C LEU A 119 -13.04 0.30 -11.22
N LEU A 120 -12.80 0.30 -9.91
CA LEU A 120 -12.07 1.41 -9.29
C LEU A 120 -10.64 1.46 -9.81
N ALA A 121 -10.05 2.65 -9.78
CA ALA A 121 -8.66 2.83 -10.19
C ALA A 121 -8.13 4.11 -9.57
N ALA A 122 -6.87 4.07 -9.15
CA ALA A 122 -6.18 5.24 -8.63
C ALA A 122 -4.94 5.52 -9.46
N ALA A 123 -4.33 6.68 -9.23
CA ALA A 123 -3.17 7.09 -10.03
C ALA A 123 -2.26 7.97 -9.18
N ALA A 124 -0.95 7.73 -9.29
CA ALA A 124 0.05 8.55 -8.62
C ALA A 124 0.36 9.84 -9.37
N VAL A 125 0.55 10.92 -8.62
CA VAL A 125 1.10 12.17 -9.14
C VAL A 125 2.19 12.62 -8.19
N GLY A 126 3.10 13.46 -8.71
CA GLY A 126 4.18 14.02 -7.93
C GLY A 126 3.97 15.48 -7.58
N ILE A 127 5.07 16.15 -7.21
CA ILE A 127 5.08 17.58 -7.03
C ILE A 127 6.00 18.13 -8.12
N THR A 128 5.39 18.53 -9.23
CA THR A 128 6.10 19.17 -10.32
C THR A 128 5.26 20.32 -10.81
N ASN A 129 5.78 21.06 -11.78
CA ASN A 129 5.04 22.19 -12.33
C ASN A 129 3.73 21.75 -12.99
N ASP A 130 3.70 20.54 -13.54
CA ASP A 130 2.52 20.10 -14.30
C ASP A 130 1.61 19.20 -13.49
N THR A 131 1.71 19.20 -12.16
CA THR A 131 0.88 18.32 -11.36
C THR A 131 -0.61 18.64 -11.56
N PHE A 132 -0.96 19.92 -11.66
CA PHE A 132 -2.36 20.28 -11.87
C PHE A 132 -2.89 19.71 -13.18
N VAL A 133 -2.08 19.72 -14.24
CA VAL A 133 -2.53 19.20 -15.52
C VAL A 133 -2.70 17.69 -15.45
N ARG A 134 -1.74 17.00 -14.82
CA ARG A 134 -1.86 15.55 -14.65
C ARG A 134 -3.12 15.20 -13.87
N VAL A 135 -3.36 15.90 -12.76
CA VAL A 135 -4.57 15.63 -11.97
C VAL A 135 -5.81 15.89 -12.80
N GLU A 136 -5.83 16.98 -13.56
CA GLU A 136 -6.99 17.29 -14.40
C GLU A 136 -7.28 16.16 -15.39
N LYS A 137 -6.24 15.67 -16.08
CA LYS A 137 -6.46 14.66 -17.11
C LYS A 137 -6.81 13.31 -16.49
N LEU A 138 -6.29 13.01 -15.30
CA LEU A 138 -6.69 11.78 -14.62
C LEU A 138 -8.15 11.85 -14.20
N ILE A 139 -8.60 12.99 -13.68
CA ILE A 139 -10.00 13.13 -13.27
C ILE A 139 -10.92 13.01 -14.47
N GLU A 140 -10.54 13.62 -15.59
CA GLU A 140 -11.31 13.51 -16.82
C GLU A 140 -11.39 12.06 -17.31
N ALA A 141 -10.34 11.27 -17.04
CA ALA A 141 -10.34 9.84 -17.37
C ALA A 141 -11.19 9.02 -16.43
N GLY A 142 -11.68 9.60 -15.34
CA GLY A 142 -12.50 8.88 -14.39
C GLY A 142 -11.78 8.30 -13.20
N VAL A 143 -10.61 8.82 -12.84
CA VAL A 143 -9.88 8.23 -11.73
C VAL A 143 -10.66 8.41 -10.44
N ASP A 144 -10.58 7.41 -9.57
CA ASP A 144 -11.32 7.45 -8.31
C ASP A 144 -10.53 8.06 -7.17
N ALA A 145 -9.21 8.06 -7.24
CA ALA A 145 -8.38 8.70 -6.22
C ALA A 145 -7.07 9.13 -6.85
N ILE A 146 -6.59 10.28 -6.41
CA ILE A 146 -5.26 10.79 -6.74
C ILE A 146 -4.35 10.45 -5.57
N VAL A 147 -3.15 9.93 -5.85
CA VAL A 147 -2.18 9.59 -4.82
C VAL A 147 -0.98 10.53 -4.99
N ILE A 148 -0.88 11.53 -4.11
CA ILE A 148 0.27 12.44 -4.07
C ILE A 148 1.41 11.65 -3.44
N ASP A 149 2.36 11.20 -4.25
CA ASP A 149 3.35 10.21 -3.85
C ASP A 149 4.71 10.91 -3.71
N THR A 150 5.13 11.14 -2.46
CA THR A 150 6.40 11.81 -2.17
C THR A 150 7.16 11.06 -1.09
N ALA A 151 8.48 11.23 -1.09
CA ALA A 151 9.31 10.55 -0.08
C ALA A 151 9.09 11.14 1.30
N HIS A 152 8.87 12.45 1.38
CA HIS A 152 8.74 13.16 2.67
C HIS A 152 7.49 14.03 2.57
N GLY A 153 6.35 13.47 2.95
CA GLY A 153 5.09 14.19 2.89
C GLY A 153 5.00 15.33 3.88
N HIS A 154 5.80 15.29 4.95
CA HIS A 154 5.77 16.34 5.97
C HIS A 154 6.73 17.47 5.60
N SER A 155 6.51 18.04 4.43
CA SER A 155 7.38 19.09 3.94
C SER A 155 6.55 20.23 3.38
N ALA A 156 7.00 21.46 3.63
CA ALA A 156 6.26 22.65 3.24
C ALA A 156 5.87 22.61 1.77
N GLY A 157 6.80 22.25 0.89
CA GLY A 157 6.51 22.23 -0.52
C GLY A 157 5.40 21.27 -0.89
N VAL A 158 5.39 20.10 -0.25
CA VAL A 158 4.35 19.11 -0.52
C VAL A 158 3.01 19.59 0.02
N ILE A 159 3.01 20.11 1.24
CA ILE A 159 1.76 20.54 1.86
C ILE A 159 1.15 21.71 1.08
N ASN A 160 2.00 22.64 0.64
CA ASN A 160 1.49 23.75 -0.16
C ASN A 160 0.91 23.27 -1.49
N LYS A 161 1.56 22.31 -2.13
CA LYS A 161 1.01 21.80 -3.39
C LYS A 161 -0.32 21.09 -3.17
N ILE A 162 -0.43 20.32 -2.10
CA ILE A 162 -1.69 19.61 -1.83
C ILE A 162 -2.81 20.61 -1.58
N SER A 163 -2.53 21.63 -0.77
CA SER A 163 -3.56 22.63 -0.48
C SER A 163 -4.08 23.26 -1.76
N GLU A 164 -3.19 23.55 -2.72
CA GLU A 164 -3.61 24.12 -3.99
C GLU A 164 -4.44 23.13 -4.80
N ILE A 165 -4.04 21.85 -4.80
CA ILE A 165 -4.81 20.83 -5.50
C ILE A 165 -6.19 20.69 -4.86
N ARG A 166 -6.23 20.50 -3.54
CA ARG A 166 -7.49 20.40 -2.82
C ARG A 166 -8.42 21.56 -3.13
N GLN A 167 -7.84 22.73 -3.41
CA GLN A 167 -8.61 23.94 -3.63
C GLN A 167 -9.19 24.00 -5.05
N THR A 168 -8.47 23.46 -6.03
CA THR A 168 -8.96 23.52 -7.41
C THR A 168 -9.89 22.34 -7.73
N PHE A 169 -9.59 21.18 -7.18
CA PHE A 169 -10.34 19.95 -7.41
C PHE A 169 -10.99 19.59 -6.06
N LYS A 170 -12.21 20.11 -5.84
CA LYS A 170 -12.81 20.04 -4.51
C LYS A 170 -13.41 18.68 -4.17
N ASP A 171 -13.63 17.81 -5.15
CA ASP A 171 -14.35 16.58 -4.86
C ASP A 171 -13.54 15.31 -5.05
N VAL A 172 -12.35 15.37 -5.66
CA VAL A 172 -11.59 14.14 -5.88
C VAL A 172 -11.09 13.60 -4.54
N VAL A 173 -11.03 12.28 -4.41
CA VAL A 173 -10.41 11.70 -3.22
C VAL A 173 -8.90 11.86 -3.33
N ILE A 174 -8.28 12.42 -2.29
CA ILE A 174 -6.84 12.66 -2.30
C ILE A 174 -6.19 11.73 -1.28
N VAL A 175 -5.29 10.85 -1.76
CA VAL A 175 -4.33 10.16 -0.91
C VAL A 175 -3.04 10.95 -0.95
N ALA A 176 -2.39 11.11 0.21
CA ALA A 176 -1.11 11.81 0.25
C ALA A 176 -0.16 11.12 1.22
N GLY A 177 1.11 11.11 0.87
CA GLY A 177 2.13 10.50 1.72
C GLY A 177 3.50 10.75 1.14
N ASN A 178 4.51 10.15 1.77
CA ASN A 178 4.35 9.30 2.96
C ASN A 178 4.79 10.04 4.22
N VAL A 179 4.18 9.68 5.35
CA VAL A 179 4.56 10.21 6.65
C VAL A 179 4.76 9.04 7.60
N ALA A 180 5.29 9.35 8.77
CA ALA A 180 5.51 8.29 9.75
C ALA A 180 5.30 8.79 11.18
N THR A 181 4.76 9.99 11.38
CA THR A 181 4.56 10.57 12.69
C THR A 181 3.15 11.14 12.80
N ALA A 182 2.67 11.27 14.04
CA ALA A 182 1.39 11.93 14.27
C ALA A 182 1.37 13.35 13.70
N GLU A 183 2.45 14.11 13.92
CA GLU A 183 2.45 15.49 13.44
C GLU A 183 2.41 15.54 11.92
N GLY A 184 3.08 14.61 11.23
CA GLY A 184 3.00 14.59 9.78
C GLY A 184 1.61 14.23 9.28
N ALA A 185 0.98 13.23 9.89
CA ALA A 185 -0.40 12.92 9.51
C ALA A 185 -1.31 14.11 9.73
N ARG A 186 -1.18 14.76 10.88
N ARG A 186 -1.19 14.77 10.89
CA ARG A 186 -2.06 15.88 11.21
CA ARG A 186 -2.07 15.88 11.19
C ARG A 186 -1.89 17.01 10.20
C ARG A 186 -1.89 17.00 10.19
N ALA A 187 -0.65 17.27 9.78
CA ALA A 187 -0.40 18.35 8.83
C ALA A 187 -1.09 18.09 7.50
N LEU A 188 -1.18 16.83 7.08
CA LEU A 188 -1.82 16.51 5.81
C LEU A 188 -3.35 16.55 5.92
N PHE A 189 -3.90 15.94 6.97
CA PHE A 189 -5.35 15.99 7.15
C PHE A 189 -5.83 17.43 7.28
N GLU A 190 -5.01 18.31 7.85
CA GLU A 190 -5.44 19.69 8.04
C GLU A 190 -5.57 20.47 6.74
N VAL A 191 -4.95 20.02 5.65
CA VAL A 191 -5.13 20.70 4.38
C VAL A 191 -6.11 19.97 3.47
N GLY A 192 -6.81 18.97 3.99
CA GLY A 192 -7.91 18.35 3.27
C GLY A 192 -7.62 17.01 2.64
N VAL A 193 -6.46 16.41 2.94
CA VAL A 193 -6.20 15.05 2.49
C VAL A 193 -7.27 14.11 3.05
N ASP A 194 -7.74 13.18 2.21
CA ASP A 194 -8.76 12.23 2.64
C ASP A 194 -8.14 10.98 3.26
N ILE A 195 -7.00 10.55 2.74
CA ILE A 195 -6.35 9.30 3.13
C ILE A 195 -4.85 9.58 3.25
N VAL A 196 -4.26 9.26 4.40
CA VAL A 196 -2.83 9.50 4.63
C VAL A 196 -2.10 8.17 4.48
N LYS A 197 -1.02 8.16 3.71
CA LYS A 197 -0.26 6.95 3.46
C LYS A 197 0.98 6.96 4.35
N VAL A 198 1.18 5.86 5.08
CA VAL A 198 2.12 5.80 6.19
C VAL A 198 3.26 4.86 5.83
N GLY A 199 4.50 5.36 5.96
CA GLY A 199 5.66 4.50 5.83
C GLY A 199 6.87 5.24 5.31
N ILE A 200 7.93 5.34 6.12
CA ILE A 200 9.20 5.93 5.70
C ILE A 200 10.28 4.86 5.93
N GLY A 201 10.75 4.25 4.84
CA GLY A 201 11.81 3.26 4.91
C GLY A 201 11.52 1.76 5.02
N PRO A 202 10.28 1.30 5.28
CA PRO A 202 10.11 -0.15 5.53
C PRO A 202 10.08 -1.02 4.29
N GLY A 203 10.04 -0.44 3.09
CA GLY A 203 9.86 -1.22 1.89
C GLY A 203 10.96 -2.24 1.69
N SER A 204 10.57 -3.38 1.12
CA SER A 204 11.52 -4.45 0.80
C SER A 204 12.69 -3.97 -0.06
N ILE A 205 12.43 -3.09 -1.03
CA ILE A 205 13.46 -2.73 -2.01
C ILE A 205 14.16 -1.42 -1.69
N CYS A 206 13.96 -0.89 -0.49
CA CYS A 206 14.39 0.48 -0.26
C CYS A 206 15.55 0.56 0.73
N THR A 207 16.36 1.61 0.55
CA THR A 207 17.57 1.82 1.33
C THR A 207 17.54 3.16 2.06
N THR A 208 16.38 3.79 2.14
CA THR A 208 16.24 5.09 2.81
C THR A 208 16.82 5.08 4.22
N ARG A 209 16.48 4.07 5.02
CA ARG A 209 16.99 4.06 6.38
C ARG A 209 18.51 3.89 6.41
N VAL A 210 19.08 3.18 5.44
CA VAL A 210 20.52 2.97 5.51
C VAL A 210 21.27 4.12 4.86
N VAL A 211 20.69 4.78 3.86
CA VAL A 211 21.39 5.84 3.13
C VAL A 211 21.22 7.19 3.81
N ALA A 212 20.05 7.45 4.38
CA ALA A 212 19.76 8.72 5.03
C ALA A 212 19.72 8.62 6.55
N GLY A 213 19.58 7.42 7.10
CA GLY A 213 19.57 7.22 8.54
C GLY A 213 18.22 7.46 9.18
N VAL A 214 17.15 7.55 8.38
CA VAL A 214 15.86 8.08 8.79
C VAL A 214 14.78 7.02 8.66
N GLY A 215 13.91 6.93 9.66
CA GLY A 215 12.70 6.14 9.51
C GLY A 215 12.05 5.89 10.86
N VAL A 216 10.89 5.23 10.80
CA VAL A 216 10.16 4.80 12.00
C VAL A 216 9.73 3.35 11.81
N PRO A 217 10.02 2.46 12.76
CA PRO A 217 9.52 1.07 12.68
C PRO A 217 8.01 1.04 12.43
N GLN A 218 7.59 0.14 11.53
CA GLN A 218 6.34 0.43 10.80
C GLN A 218 5.09 0.21 11.67
N ILE A 219 5.12 -0.70 12.65
CA ILE A 219 3.95 -0.84 13.52
C ILE A 219 3.72 0.44 14.32
N THR A 220 4.80 1.03 14.87
CA THR A 220 4.66 2.30 15.58
C THR A 220 4.19 3.42 14.66
N ALA A 221 4.74 3.49 13.44
CA ALA A 221 4.31 4.52 12.49
C ALA A 221 2.81 4.42 12.23
N ILE A 222 2.32 3.20 11.99
CA ILE A 222 0.88 3.01 11.72
C ILE A 222 0.06 3.47 12.92
N TYR A 223 0.44 3.02 14.11
CA TYR A 223 -0.30 3.30 15.32
C TYR A 223 -0.32 4.79 15.63
N ASP A 224 0.84 5.45 15.49
CA ASP A 224 0.90 6.88 15.73
C ASP A 224 0.04 7.66 14.74
N CYS A 225 0.09 7.27 13.46
CA CYS A 225 -0.70 8.00 12.46
C CYS A 225 -2.18 7.65 12.55
N ALA A 226 -2.51 6.39 12.84
CA ALA A 226 -3.92 6.03 12.95
C ALA A 226 -4.59 6.74 14.13
N THR A 227 -3.82 7.06 15.16
CA THR A 227 -4.39 7.82 16.28
C THR A 227 -4.92 9.16 15.80
N VAL A 228 -4.21 9.81 14.87
CA VAL A 228 -4.67 11.08 14.32
C VAL A 228 -5.83 10.89 13.37
N ALA A 229 -5.76 9.87 12.51
CA ALA A 229 -6.86 9.59 11.58
C ALA A 229 -8.17 9.40 12.32
N ARG A 230 -8.13 8.70 13.47
CA ARG A 230 -9.34 8.53 14.28
C ARG A 230 -9.92 9.87 14.72
N GLU A 231 -9.05 10.84 15.08
CA GLU A 231 -9.53 12.15 15.49
C GLU A 231 -10.22 12.90 14.35
N PHE A 232 -9.68 12.79 13.13
CA PHE A 232 -10.30 13.44 11.98
C PHE A 232 -11.45 12.65 11.37
N GLY A 233 -11.67 11.42 11.80
CA GLY A 233 -12.62 10.57 11.11
C GLY A 233 -12.23 10.23 9.69
N LYS A 234 -10.94 10.13 9.41
CA LYS A 234 -10.44 9.75 8.10
C LYS A 234 -9.63 8.47 8.22
N THR A 235 -8.90 8.11 7.16
CA THR A 235 -8.31 6.78 7.06
C THR A 235 -6.83 6.86 6.68
N ILE A 236 -6.14 5.75 6.86
CA ILE A 236 -4.73 5.65 6.49
C ILE A 236 -4.50 4.35 5.70
N ILE A 237 -3.45 4.39 4.88
CA ILE A 237 -2.94 3.20 4.18
C ILE A 237 -1.59 2.87 4.80
N ALA A 238 -1.43 1.62 5.24
CA ALA A 238 -0.17 1.12 5.80
C ALA A 238 0.70 0.63 4.64
N ASP A 239 1.74 1.39 4.30
CA ASP A 239 2.50 1.20 3.05
C ASP A 239 3.91 0.70 3.33
N GLY A 240 4.17 -0.58 3.09
CA GLY A 240 5.54 -1.07 3.04
C GLY A 240 5.89 -2.00 4.18
N GLY A 241 6.78 -2.96 3.88
CA GLY A 241 7.33 -3.85 4.88
C GLY A 241 6.52 -5.10 5.16
N ILE A 242 5.43 -5.32 4.45
CA ILE A 242 4.59 -6.50 4.64
C ILE A 242 5.16 -7.65 3.84
N LYS A 243 5.51 -8.75 4.52
CA LYS A 243 6.12 -9.90 3.89
C LYS A 243 5.22 -11.13 3.86
N TYR A 244 4.26 -11.23 4.77
CA TYR A 244 3.40 -12.40 4.91
C TYR A 244 1.97 -11.95 5.16
N SER A 245 1.00 -12.84 4.94
CA SER A 245 -0.37 -12.40 5.16
C SER A 245 -0.58 -12.00 6.62
N GLY A 246 0.14 -12.64 7.54
CA GLY A 246 0.01 -12.29 8.94
C GLY A 246 0.40 -10.86 9.23
N ASP A 247 1.35 -10.31 8.46
CA ASP A 247 1.71 -8.90 8.59
C ASP A 247 0.58 -7.98 8.17
N ILE A 248 -0.27 -8.39 7.24
CA ILE A 248 -1.43 -7.57 6.89
C ILE A 248 -2.37 -7.45 8.09
N VAL A 249 -2.66 -8.58 8.75
CA VAL A 249 -3.51 -8.55 9.93
C VAL A 249 -2.90 -7.64 10.99
N LYS A 250 -1.58 -7.75 11.22
CA LYS A 250 -0.91 -6.87 12.17
C LYS A 250 -1.03 -5.40 11.78
N ALA A 251 -0.81 -5.08 10.51
CA ALA A 251 -0.91 -3.69 10.07
C ALA A 251 -2.30 -3.11 10.28
N LEU A 252 -3.35 -3.90 10.01
CA LEU A 252 -4.70 -3.41 10.19
C LEU A 252 -5.05 -3.29 11.66
N ALA A 253 -4.67 -4.28 12.46
CA ALA A 253 -4.91 -4.21 13.90
C ALA A 253 -4.16 -3.07 14.54
N ALA A 254 -3.02 -2.66 13.99
CA ALA A 254 -2.32 -1.51 14.55
C ALA A 254 -2.98 -0.19 14.18
N GLY A 255 -4.01 -0.22 13.33
CA GLY A 255 -4.76 0.98 13.03
C GLY A 255 -4.92 1.26 11.55
N GLY A 256 -4.22 0.51 10.70
CA GLY A 256 -4.33 0.72 9.26
C GLY A 256 -5.73 0.42 8.74
N ASN A 257 -6.30 1.29 7.90
CA ASN A 257 -7.58 0.93 7.29
C ASN A 257 -7.39 -0.02 6.12
N ALA A 258 -6.25 0.06 5.47
CA ALA A 258 -5.90 -0.80 4.36
C ALA A 258 -4.37 -0.82 4.30
N VAL A 259 -3.83 -1.75 3.52
CA VAL A 259 -2.40 -1.87 3.32
C VAL A 259 -2.09 -1.62 1.85
N MET A 260 -0.85 -1.24 1.58
CA MET A 260 -0.34 -1.14 0.21
C MET A 260 0.78 -2.17 0.05
N LEU A 261 0.76 -2.92 -1.04
CA LEU A 261 1.70 -4.02 -1.24
C LEU A 261 2.54 -3.76 -2.48
N GLY A 262 3.84 -3.94 -2.33
CA GLY A 262 4.74 -4.01 -3.48
C GLY A 262 5.23 -5.42 -3.64
N SER A 263 6.15 -5.83 -2.76
CA SER A 263 6.80 -7.12 -2.87
C SER A 263 5.82 -8.29 -3.00
N MET A 264 4.73 -8.29 -2.22
CA MET A 264 3.87 -9.46 -2.29
C MET A 264 3.12 -9.57 -3.61
N LEU A 265 3.06 -8.50 -4.39
CA LEU A 265 2.44 -8.53 -5.71
C LEU A 265 3.47 -8.56 -6.85
N ALA A 266 4.74 -8.35 -6.54
CA ALA A 266 5.78 -8.42 -7.56
C ALA A 266 5.90 -9.82 -8.10
N GLY A 267 6.23 -9.92 -9.38
CA GLY A 267 6.34 -11.23 -9.99
C GLY A 267 5.03 -11.91 -10.32
N THR A 268 3.90 -11.23 -10.18
CA THR A 268 2.64 -11.80 -10.64
C THR A 268 2.49 -11.61 -12.15
N ASP A 269 1.57 -12.38 -12.74
CA ASP A 269 1.33 -12.26 -14.18
C ASP A 269 0.98 -10.83 -14.58
N GLU A 270 0.22 -10.13 -13.74
CA GLU A 270 -0.31 -8.82 -14.09
C GLU A 270 0.62 -7.66 -13.76
N SER A 271 1.74 -7.91 -13.08
CA SER A 271 2.71 -6.84 -12.88
C SER A 271 3.42 -6.54 -14.21
N PRO A 272 3.89 -5.30 -14.40
CA PRO A 272 4.47 -4.93 -15.70
C PRO A 272 5.71 -5.79 -16.02
N GLY A 273 5.97 -5.94 -17.31
CA GLY A 273 7.08 -6.73 -17.78
C GLY A 273 6.70 -8.18 -18.01
N GLU A 274 7.63 -8.93 -18.57
CA GLU A 274 7.44 -10.35 -18.81
C GLU A 274 8.37 -11.17 -17.93
N THR A 275 8.04 -12.45 -17.79
CA THR A 275 8.90 -13.34 -17.03
C THR A 275 10.14 -13.70 -17.84
N GLU A 276 11.24 -13.96 -17.14
CA GLU A 276 12.50 -14.35 -17.75
C GLU A 276 12.98 -15.64 -17.10
N ILE A 277 13.29 -16.63 -17.92
CA ILE A 277 13.79 -17.92 -17.42
C ILE A 277 15.29 -17.80 -17.18
N PHE A 278 15.72 -18.11 -15.95
CA PHE A 278 17.12 -18.12 -15.61
C PHE A 278 17.43 -19.43 -14.88
N GLN A 279 18.18 -20.31 -15.54
CA GLN A 279 18.53 -21.62 -15.01
C GLN A 279 17.27 -22.42 -14.66
N GLY A 280 16.36 -22.51 -15.63
CA GLY A 280 15.15 -23.29 -15.47
C GLY A 280 14.13 -22.72 -14.52
N ARG A 281 14.35 -21.52 -13.98
CA ARG A 281 13.47 -20.91 -12.99
C ARG A 281 12.93 -19.59 -13.52
N GLN A 282 11.66 -19.29 -13.19
CA GLN A 282 11.00 -18.10 -13.67
C GLN A 282 11.13 -16.95 -12.67
N PHE A 283 11.43 -15.75 -13.18
CA PHE A 283 11.52 -14.58 -12.33
C PHE A 283 10.99 -13.35 -13.05
N LYS A 284 10.75 -12.30 -12.27
CA LYS A 284 10.41 -10.98 -12.78
C LYS A 284 11.20 -9.92 -12.03
N THR A 285 11.36 -8.77 -12.68
CA THR A 285 12.08 -7.65 -12.08
C THR A 285 11.21 -6.93 -11.06
N TYR A 286 11.83 -6.52 -9.96
CA TYR A 286 11.20 -5.65 -8.95
C TYR A 286 12.26 -4.66 -8.46
N ARG A 287 11.91 -3.37 -8.46
CA ARG A 287 12.91 -2.36 -8.15
C ARG A 287 12.27 -1.17 -7.46
N GLY A 288 13.05 -0.54 -6.59
CA GLY A 288 12.60 0.69 -5.96
C GLY A 288 12.41 1.79 -6.97
N MET A 289 11.42 2.64 -6.71
CA MET A 289 11.24 3.82 -7.54
C MET A 289 12.35 4.85 -7.32
N GLY A 290 13.16 4.66 -6.27
CA GLY A 290 14.34 5.48 -6.05
C GLY A 290 15.64 4.81 -6.44
N SER A 291 15.58 3.68 -7.15
CA SER A 291 16.77 3.05 -7.68
C SER A 291 17.24 3.78 -8.93
N LEU A 292 18.50 3.55 -9.31
CA LEU A 292 19.07 4.22 -10.47
C LEU A 292 18.26 3.94 -11.73
N ALA A 293 17.93 2.66 -11.95
CA ALA A 293 17.22 2.28 -13.18
C ALA A 293 15.85 2.94 -13.25
N ALA A 294 15.15 3.04 -12.12
CA ALA A 294 13.81 3.62 -12.13
C ALA A 294 13.83 5.12 -12.36
N MET A 295 14.86 5.80 -11.85
CA MET A 295 14.96 7.25 -12.05
C MET A 295 15.55 7.60 -13.40
N GLU A 296 16.30 6.69 -14.01
CA GLU A 296 16.84 6.90 -15.35
C GLU A 296 15.84 6.33 -16.37
N HIS A 297 14.71 7.05 -16.48
CA HIS A 297 13.68 6.74 -17.46
C HIS A 297 13.70 7.81 -18.54
N GLY A 298 14.17 7.42 -19.72
CA GLY A 298 14.28 8.33 -20.84
C GLY A 298 14.79 7.65 -22.09
N ASP A 301 11.71 6.52 -24.41
CA ASP A 301 10.26 6.58 -24.52
C ASP A 301 9.79 8.04 -24.50
N ARG A 302 8.51 8.25 -24.20
CA ARG A 302 7.92 9.58 -24.33
C ARG A 302 8.33 10.47 -23.15
N TYR A 303 8.17 11.78 -23.35
CA TYR A 303 8.62 12.76 -22.38
C TYR A 303 7.59 12.96 -21.26
N PHE A 304 8.10 13.13 -20.04
CA PHE A 304 7.26 13.57 -18.93
C PHE A 304 8.15 14.31 -17.93
N GLN A 305 7.53 15.20 -17.15
CA GLN A 305 8.21 15.83 -16.04
C GLN A 305 8.32 14.86 -14.88
N ALA A 306 9.53 14.72 -14.33
CA ALA A 306 9.77 13.87 -13.19
C ALA A 306 10.06 14.72 -11.96
N ASP A 307 9.84 14.13 -10.80
CA ASP A 307 10.24 14.77 -9.54
C ASP A 307 11.72 15.12 -9.60
N ALA A 308 12.09 16.17 -8.86
CA ALA A 308 13.48 16.60 -8.84
C ALA A 308 14.40 15.42 -8.60
N LYS A 309 15.43 15.30 -9.43
CA LYS A 309 16.36 14.18 -9.31
C LYS A 309 17.06 14.21 -7.97
N LYS A 310 17.06 13.07 -7.27
CA LYS A 310 17.82 12.93 -6.06
C LYS A 310 19.27 12.60 -6.40
N LEU A 311 20.20 13.16 -5.61
CA LEU A 311 21.62 12.98 -5.91
C LEU A 311 22.01 11.51 -5.91
N VAL A 312 21.54 10.74 -4.94
CA VAL A 312 21.95 9.34 -4.79
C VAL A 312 20.70 8.48 -4.69
N PRO A 313 20.75 7.21 -5.12
CA PRO A 313 19.57 6.35 -5.03
C PRO A 313 19.16 6.04 -3.60
N GLU A 314 17.88 5.68 -3.44
CA GLU A 314 17.34 5.23 -2.15
C GLU A 314 16.55 3.94 -2.31
N GLY A 315 16.86 3.17 -3.35
CA GLY A 315 16.28 1.86 -3.54
C GLY A 315 17.28 1.03 -4.33
N ILE A 316 17.02 -0.27 -4.40
CA ILE A 316 17.86 -1.17 -5.17
C ILE A 316 17.00 -1.82 -6.25
N GLU A 317 17.67 -2.50 -7.18
CA GLU A 317 17.03 -3.22 -8.26
C GLU A 317 17.19 -4.71 -8.01
N GLY A 318 16.10 -5.47 -8.15
CA GLY A 318 16.18 -6.88 -7.86
C GLY A 318 15.30 -7.73 -8.73
N ARG A 319 15.20 -9.02 -8.41
CA ARG A 319 14.30 -9.91 -9.12
C ARG A 319 13.63 -10.83 -8.11
N VAL A 320 12.38 -11.18 -8.40
CA VAL A 320 11.57 -12.01 -7.51
C VAL A 320 11.17 -13.25 -8.30
N PRO A 321 10.99 -14.39 -7.63
CA PRO A 321 10.45 -15.57 -8.32
C PRO A 321 9.02 -15.29 -8.80
N TYR A 322 8.70 -15.83 -9.96
CA TYR A 322 7.34 -15.76 -10.48
C TYR A 322 6.34 -16.29 -9.45
N LYS A 323 5.27 -15.55 -9.23
CA LYS A 323 4.30 -15.89 -8.18
C LYS A 323 2.99 -16.51 -8.70
N GLY A 324 2.65 -16.31 -9.96
CA GLY A 324 1.34 -16.70 -10.45
C GLY A 324 0.42 -15.50 -10.63
N SER A 325 -0.88 -15.79 -10.65
CA SER A 325 -1.86 -14.74 -10.93
C SER A 325 -2.14 -13.90 -9.69
N VAL A 326 -2.57 -12.66 -9.92
CA VAL A 326 -3.00 -11.81 -8.82
C VAL A 326 -4.16 -12.45 -8.07
N ALA A 327 -5.08 -13.10 -8.79
CA ALA A 327 -6.23 -13.74 -8.15
C ALA A 327 -5.78 -14.79 -7.13
N ASP A 328 -4.81 -15.63 -7.49
CA ASP A 328 -4.35 -16.66 -6.54
C ASP A 328 -3.57 -16.06 -5.37
N ILE A 329 -2.81 -15.00 -5.59
CA ILE A 329 -2.10 -14.35 -4.50
C ILE A 329 -3.09 -13.71 -3.52
N ILE A 330 -4.08 -12.98 -4.06
CA ILE A 330 -5.08 -12.37 -3.19
C ILE A 330 -5.86 -13.43 -2.43
N PHE A 331 -6.15 -14.56 -3.07
CA PHE A 331 -6.88 -15.61 -2.37
C PHE A 331 -6.11 -16.06 -1.13
N GLN A 332 -4.79 -16.21 -1.23
CA GLN A 332 -4.00 -16.62 -0.07
C GLN A 332 -3.97 -15.54 1.00
N LEU A 333 -3.78 -14.28 0.60
CA LEU A 333 -3.78 -13.19 1.59
C LEU A 333 -5.11 -13.09 2.32
N VAL A 334 -6.22 -13.18 1.59
CA VAL A 334 -7.54 -13.05 2.18
C VAL A 334 -7.80 -14.20 3.16
N GLY A 335 -7.39 -15.42 2.81
CA GLY A 335 -7.52 -16.53 3.73
C GLY A 335 -6.78 -16.28 5.03
N GLY A 336 -5.60 -15.67 4.95
CA GLY A 336 -4.86 -15.37 6.17
C GLY A 336 -5.51 -14.28 6.99
N ILE A 337 -5.99 -13.23 6.33
CA ILE A 337 -6.72 -12.16 7.03
C ILE A 337 -7.95 -12.73 7.72
N ARG A 338 -8.75 -13.54 7.00
CA ARG A 338 -9.96 -14.10 7.59
C ARG A 338 -9.63 -14.98 8.80
N SER A 339 -8.54 -15.75 8.72
CA SER A 339 -8.14 -16.59 9.85
C SER A 339 -7.79 -15.73 11.05
N GLY A 340 -6.99 -14.68 10.85
CA GLY A 340 -6.63 -13.78 11.95
C GLY A 340 -7.83 -13.08 12.56
N MET A 341 -8.78 -12.63 11.73
CA MET A 341 -9.96 -11.99 12.30
C MET A 341 -10.80 -12.99 13.10
N GLY A 342 -10.85 -14.24 12.64
CA GLY A 342 -11.54 -15.26 13.42
C GLY A 342 -10.89 -15.51 14.77
N TYR A 343 -9.55 -15.52 14.80
CA TYR A 343 -8.82 -15.71 16.06
C TYR A 343 -9.00 -14.54 17.02
N THR A 344 -9.09 -13.31 16.50
CA THR A 344 -9.23 -12.14 17.35
C THR A 344 -10.69 -11.82 17.67
N GLY A 345 -11.62 -12.63 17.16
CA GLY A 345 -13.04 -12.36 17.35
C GLY A 345 -13.55 -11.11 16.66
N SER A 346 -12.95 -10.74 15.53
CA SER A 346 -13.30 -9.51 14.83
C SER A 346 -14.28 -9.80 13.70
N PRO A 347 -15.56 -9.45 13.81
CA PRO A 347 -16.48 -9.68 12.69
C PRO A 347 -16.25 -8.75 11.51
N ASP A 348 -15.54 -7.63 11.71
CA ASP A 348 -15.27 -6.71 10.62
C ASP A 348 -13.98 -5.97 10.94
N LEU A 349 -13.52 -5.16 10.00
CA LEU A 349 -12.22 -4.52 10.17
C LEU A 349 -12.25 -3.43 11.24
N ARG A 350 -13.42 -2.79 11.46
CA ARG A 350 -13.48 -1.81 12.54
C ARG A 350 -13.17 -2.44 13.90
N HIS A 351 -13.69 -3.65 14.14
CA HIS A 351 -13.40 -4.34 15.40
C HIS A 351 -11.93 -4.71 15.51
N LEU A 352 -11.32 -5.14 14.39
CA LEU A 352 -9.90 -5.44 14.39
C LEU A 352 -9.06 -4.20 14.74
N ARG A 353 -9.35 -3.07 14.09
CA ARG A 353 -8.61 -1.83 14.38
C ARG A 353 -8.81 -1.39 15.83
N GLU A 354 -10.04 -1.48 16.33
CA GLU A 354 -10.37 -0.80 17.59
C GLU A 354 -10.18 -1.67 18.82
N GLU A 355 -10.32 -3.00 18.68
CA GLU A 355 -10.39 -3.87 19.84
C GLU A 355 -9.19 -4.80 20.00
N ALA A 356 -8.47 -5.11 18.94
CA ALA A 356 -7.51 -6.21 19.06
C ALA A 356 -6.31 -5.75 19.87
N ALA A 357 -5.70 -6.71 20.57
CA ALA A 357 -4.54 -6.43 21.42
C ALA A 357 -3.34 -7.23 20.91
N PHE A 358 -2.15 -6.68 21.13
CA PHE A 358 -0.89 -7.32 20.74
C PHE A 358 -0.13 -7.82 21.96
N VAL A 359 0.80 -8.73 21.73
CA VAL A 359 1.80 -9.10 22.72
C VAL A 359 3.17 -8.92 22.08
N ARG A 360 4.08 -8.28 22.81
N ARG A 360 4.08 -8.29 22.81
CA ARG A 360 5.43 -8.06 22.32
CA ARG A 360 5.43 -8.05 22.31
C ARG A 360 6.28 -9.29 22.57
C ARG A 360 6.29 -9.29 22.57
N MET A 361 7.23 -9.55 21.65
CA MET A 361 8.08 -10.74 21.75
C MET A 361 9.51 -10.42 21.36
N THR A 362 10.41 -11.34 21.72
CA THR A 362 11.83 -11.25 21.38
C THR A 362 12.12 -11.96 20.05
N GLY A 363 13.39 -11.93 19.63
CA GLY A 363 13.80 -12.76 18.51
C GLY A 363 13.59 -14.25 18.73
N ALA A 364 13.64 -14.70 19.99
CA ALA A 364 13.31 -16.10 20.28
C ALA A 364 11.83 -16.38 20.01
N GLY A 365 10.96 -15.42 20.34
CA GLY A 365 9.55 -15.60 20.01
C GLY A 365 9.33 -15.66 18.51
N LEU A 366 10.08 -14.88 17.74
CA LEU A 366 9.95 -14.91 16.30
C LEU A 366 10.36 -16.26 15.74
N ARG A 367 11.45 -16.84 16.24
CA ARG A 367 11.89 -18.14 15.74
C ARG A 367 10.88 -19.23 16.03
N GLU A 368 10.19 -19.13 17.18
CA GLU A 368 9.12 -20.09 17.51
C GLU A 368 7.91 -19.92 16.59
N SER A 369 7.68 -18.69 16.09
CA SER A 369 6.49 -18.40 15.30
C SER A 369 6.58 -19.01 13.91
N HIS A 370 7.75 -18.94 13.27
CA HIS A 370 7.95 -19.58 11.99
C HIS A 370 8.08 -21.09 12.21
N PRO A 371 8.01 -21.89 11.15
CA PRO A 371 8.43 -23.28 11.28
C PRO A 371 9.89 -23.33 11.75
N HIS A 372 10.18 -24.28 12.63
CA HIS A 372 11.53 -24.43 13.17
C HIS A 372 11.85 -25.91 13.31
N ASP A 373 13.15 -26.22 13.16
CA ASP A 373 13.69 -27.56 13.41
C ASP A 373 13.06 -28.62 12.53
N ILE A 374 12.71 -28.26 11.29
CA ILE A 374 12.06 -29.18 10.35
C ILE A 374 12.63 -28.93 8.96
N GLN A 375 12.83 -29.99 8.19
CA GLN A 375 13.25 -29.87 6.80
C GLN A 375 11.99 -29.85 5.92
N ILE A 376 11.56 -28.65 5.55
CA ILE A 376 10.35 -28.52 4.73
C ILE A 376 10.59 -29.15 3.37
N THR A 377 9.64 -29.96 2.91
CA THR A 377 9.77 -30.74 1.69
C THR A 377 8.89 -30.26 0.55
N LYS A 378 7.95 -29.35 0.82
CA LYS A 378 7.16 -28.72 -0.23
C LYS A 378 6.83 -27.31 0.23
N GLU A 379 6.90 -26.35 -0.69
CA GLU A 379 6.56 -24.98 -0.35
C GLU A 379 5.05 -24.82 -0.19
N ALA A 380 4.64 -24.16 0.88
CA ALA A 380 3.24 -23.85 1.08
C ALA A 380 2.84 -22.66 0.21
N PRO A 381 1.60 -22.63 -0.28
CA PRO A 381 1.18 -21.49 -1.12
C PRO A 381 1.24 -20.14 -0.40
N ASN A 382 1.17 -20.14 0.93
CA ASN A 382 1.26 -18.90 1.70
C ASN A 382 2.52 -18.85 2.57
N TYR A 383 3.51 -19.72 2.27
CA TYR A 383 4.78 -19.70 2.99
C TYR A 383 5.86 -20.20 2.02
N SER A 384 6.29 -19.31 1.12
CA SER A 384 7.29 -19.66 0.12
C SER A 384 8.69 -19.30 0.59
P XMP B . 7.12 -3.51 -0.08
O1P XMP B . 7.80 -3.88 1.22
O2P XMP B . 5.65 -3.84 -0.10
O5' XMP B . 7.17 -1.91 -0.11
O3P XMP B . 7.85 -4.04 -1.30
C5' XMP B . 6.57 -1.16 -1.16
C4' XMP B . 6.60 0.32 -0.87
O4' XMP B . 7.97 0.79 -0.79
C1' XMP B . 8.02 2.17 -1.09
N9 XMP B . 9.08 2.36 -2.09
C4 XMP B . 10.26 2.90 -1.78
N3 XMP B . 10.77 3.42 -0.67
N1 XMP B . 12.82 3.91 -1.74
C2 XMP B . 12.00 3.93 -0.66
O2 XMP B . 12.44 4.39 0.42
C6 XMP B . 12.42 3.41 -2.93
O6 XMP B . 13.17 3.41 -3.93
C5 XMP B . 11.06 2.85 -3.01
N7 XMP B . 10.29 2.29 -3.96
C8 XMP B . 9.10 1.99 -3.38
C2' XMP B . 6.63 2.60 -1.59
O2' XMP B . 5.96 3.22 -0.52
C3' XMP B . 5.98 1.25 -1.92
O3' XMP B . 4.56 1.28 -1.86
C1 GOL C . -11.86 -18.77 14.47
O1 GOL C . -12.91 -19.62 14.87
C2 GOL C . -10.89 -19.52 13.56
O2 GOL C . -10.57 -20.78 14.12
C3 GOL C . -9.62 -18.69 13.37
O3 GOL C . -8.93 -19.16 12.23
#